data_7JYT
#
_entry.id   7JYT
#
_cell.length_a   51.826
_cell.length_b   57.128
_cell.length_c   103.561
_cell.angle_alpha   90
_cell.angle_beta   90
_cell.angle_gamma   90
#
_symmetry.space_group_name_H-M   'P 21 21 21'
#
loop_
_entity.id
_entity.type
_entity.pdbx_description
1 polymer 'ALK tyrosine kinase receptor'
2 non-polymer GLYCEROL
3 non-polymer 3-(3-methyl-1H-pyrazol-5-yl)pyridine
4 water water
#
_entity_poly.entity_id   1
_entity_poly.type   'polypeptide(L)'
_entity_poly.pdbx_seq_one_letter_code
;GAMGSTDYNPNYCFAGKTSSISDLKEVPRKNITLIRGLGHGAFGEVYEGQVSGMPNDPSPLQVAVKTLPEVCSEQDELDF
LMEALIISKFNHQNIVRCIGVSLQSLPRFILLELMAGGDLKSFLRETRPRPSQPSSLAMLDLLHVARDIACGCQYLEENH
FIHRDIAARNCLLTCPGPGRVAKIGDFGMARDIYRASYYRKGGCAMLPVKWMPPEAFMEGIFTSKTDTWSFGVLLWEIFS
LGYMPYPSKSNQEVLEFVTSGGRMDPPKNCPGPVYRIMTQCWQHQPEDRPNFAIILERIEYCTQDPDVINTALPIEYGPL
VE
;
_entity_poly.pdbx_strand_id   A
#
# COMPACT_ATOMS: atom_id res chain seq x y z
N ASN A 11 10.65 3.16 21.59
CA ASN A 11 9.27 3.33 22.02
C ASN A 11 8.37 3.78 20.87
N TYR A 12 7.40 2.95 20.54
CA TYR A 12 6.42 3.22 19.50
C TYR A 12 5.02 3.23 20.11
N CYS A 13 4.17 4.15 19.64
CA CYS A 13 2.82 4.28 20.15
C CYS A 13 1.80 4.08 19.04
N PHE A 14 0.68 3.46 19.39
CA PHE A 14 -0.40 3.20 18.43
C PHE A 14 -1.59 2.60 19.15
N ALA A 15 -2.80 3.02 18.79
CA ALA A 15 -4.04 2.45 19.31
C ALA A 15 -4.16 2.58 20.82
N GLY A 16 -3.60 3.66 21.37
CA GLY A 16 -3.72 3.94 22.79
C GLY A 16 -2.72 3.25 23.69
N LYS A 17 -1.68 2.61 23.13
CA LYS A 17 -0.67 1.94 23.92
C LYS A 17 0.70 2.29 23.35
N THR A 18 1.73 2.08 24.18
CA THR A 18 3.13 2.28 23.78
C THR A 18 3.87 0.95 23.94
N SER A 19 4.67 0.60 22.94
CA SER A 19 5.40 -0.65 22.93
C SER A 19 6.88 -0.37 22.70
N SER A 20 7.68 -1.44 22.80
CA SER A 20 9.12 -1.34 22.62
C SER A 20 9.63 -2.63 22.00
N ILE A 21 10.92 -2.64 21.67
CA ILE A 21 11.55 -3.83 21.09
C ILE A 21 11.21 -5.07 21.89
N SER A 22 10.96 -4.91 23.19
CA SER A 22 10.73 -6.07 24.05
C SER A 22 9.43 -6.78 23.70
N ASP A 23 8.39 -6.03 23.33
CA ASP A 23 7.09 -6.64 23.07
C ASP A 23 7.10 -7.51 21.82
N LEU A 24 8.05 -7.31 20.93
CA LEU A 24 8.14 -8.13 19.72
C LEU A 24 8.45 -9.58 20.10
N LYS A 25 8.06 -10.49 19.21
CA LYS A 25 8.24 -11.92 19.47
C LYS A 25 9.53 -12.37 18.83
N GLU A 26 10.57 -12.51 19.64
CA GLU A 26 11.87 -12.97 19.17
C GLU A 26 11.79 -14.46 18.82
N VAL A 27 12.12 -14.80 17.58
CA VAL A 27 12.17 -16.18 17.12
C VAL A 27 13.63 -16.60 17.10
N PRO A 28 14.01 -17.69 17.77
CA PRO A 28 15.42 -18.09 17.78
C PRO A 28 15.93 -18.32 16.36
N ARG A 29 17.11 -17.75 16.06
CA ARG A 29 17.63 -17.83 14.70
C ARG A 29 17.68 -19.28 14.22
N LYS A 30 17.98 -20.22 15.12
CA LYS A 30 18.14 -21.61 14.70
C LYS A 30 16.87 -22.16 14.05
N ASN A 31 15.71 -21.57 14.33
CA ASN A 31 14.45 -22.05 13.78
C ASN A 31 14.13 -21.51 12.39
N ILE A 32 14.97 -20.63 11.84
CA ILE A 32 14.65 -19.89 10.62
C ILE A 32 15.51 -20.41 9.47
N THR A 33 14.85 -20.72 8.36
CA THR A 33 15.52 -21.24 7.16
C THR A 33 15.10 -20.42 5.95
N LEU A 34 16.08 -19.92 5.20
CA LEU A 34 15.81 -19.17 3.98
C LEU A 34 15.69 -20.11 2.79
N ILE A 35 14.71 -19.86 1.94
CA ILE A 35 14.41 -20.72 0.79
C ILE A 35 14.72 -20.04 -0.53
N ARG A 36 14.40 -18.76 -0.66
CA ARG A 36 14.58 -18.06 -1.92
C ARG A 36 14.76 -16.57 -1.67
N GLY A 37 15.37 -15.91 -2.65
CA GLY A 37 15.14 -14.50 -2.82
C GLY A 37 13.79 -14.25 -3.45
N LEU A 38 13.17 -13.12 -3.09
CA LEU A 38 11.89 -12.74 -3.66
C LEU A 38 11.98 -11.42 -4.43
N GLY A 39 13.17 -10.86 -4.58
CA GLY A 39 13.33 -9.60 -5.29
C GLY A 39 12.76 -8.42 -4.53
N VAL A 46 14.27 -9.37 0.58
CA VAL A 46 13.20 -10.20 1.10
C VAL A 46 13.34 -11.63 0.59
N TYR A 47 13.10 -12.59 1.48
CA TYR A 47 13.23 -14.01 1.16
C TYR A 47 11.98 -14.76 1.58
N GLU A 48 11.68 -15.84 0.86
CA GLU A 48 10.78 -16.88 1.35
C GLU A 48 11.52 -17.69 2.41
N GLY A 49 10.81 -18.06 3.48
CA GLY A 49 11.45 -18.72 4.60
C GLY A 49 10.55 -19.74 5.28
N GLN A 50 11.17 -20.52 6.16
CA GLN A 50 10.48 -21.48 7.01
C GLN A 50 10.77 -21.18 8.48
N VAL A 51 9.78 -21.38 9.33
CA VAL A 51 9.95 -21.35 10.78
C VAL A 51 9.35 -22.64 11.33
N SER A 52 10.18 -23.44 11.99
CA SER A 52 9.77 -24.75 12.49
C SER A 52 9.12 -24.64 13.86
N PRO A 60 5.94 -26.59 10.03
CA PRO A 60 6.89 -25.59 9.51
C PRO A 60 6.19 -24.44 8.81
N LEU A 61 6.15 -23.28 9.47
CA LEU A 61 5.43 -22.14 8.96
C LEU A 61 6.21 -21.46 7.84
N GLN A 62 5.53 -21.18 6.73
CA GLN A 62 6.12 -20.48 5.60
C GLN A 62 5.96 -18.97 5.81
N VAL A 63 7.07 -18.22 5.65
CA VAL A 63 7.07 -16.79 5.94
C VAL A 63 7.87 -16.05 4.89
N ALA A 64 7.74 -14.72 4.92
CA ALA A 64 8.63 -13.80 4.22
C ALA A 64 9.59 -13.22 5.24
N VAL A 65 10.85 -13.08 4.85
CA VAL A 65 11.91 -12.63 5.75
C VAL A 65 12.47 -11.33 5.19
N LYS A 66 12.22 -10.23 5.88
CA LYS A 66 12.83 -8.95 5.54
C LYS A 66 14.15 -8.84 6.30
N THR A 67 15.24 -8.61 5.58
CA THR A 67 16.58 -8.61 6.15
C THR A 67 17.12 -7.19 6.24
N LEU A 68 17.85 -6.91 7.32
CA LEU A 68 18.58 -5.65 7.46
C LEU A 68 20.03 -5.88 7.07
N PRO A 69 20.55 -5.20 6.04
CA PRO A 69 21.96 -5.41 5.68
C PRO A 69 22.88 -5.17 6.87
N GLU A 70 23.82 -6.11 7.08
CA GLU A 70 24.83 -5.89 8.11
C GLU A 70 25.65 -4.65 7.81
N VAL A 71 25.76 -4.29 6.53
CA VAL A 71 26.44 -3.06 6.11
C VAL A 71 25.39 -1.95 6.17
N CYS A 72 25.24 -1.33 7.33
CA CYS A 72 24.22 -0.31 7.52
C CYS A 72 24.63 0.63 8.64
N SER A 73 24.08 1.85 8.58
CA SER A 73 24.30 2.85 9.60
C SER A 73 23.40 2.56 10.81
N GLU A 74 23.54 3.40 11.84
CA GLU A 74 22.70 3.26 13.04
C GLU A 74 21.36 3.94 12.88
N GLN A 75 21.18 4.78 11.86
CA GLN A 75 19.84 5.21 11.48
C GLN A 75 19.04 4.05 10.91
N ASP A 76 19.67 3.25 10.04
CA ASP A 76 19.00 2.08 9.48
C ASP A 76 18.54 1.14 10.57
N GLU A 77 19.38 0.90 11.58
CA GLU A 77 19.00 0.06 12.70
C GLU A 77 17.70 0.55 13.34
N LEU A 78 17.68 1.80 13.78
CA LEU A 78 16.47 2.38 14.33
C LEU A 78 15.30 2.23 13.36
N ASP A 79 15.52 2.55 12.09
CA ASP A 79 14.46 2.43 11.09
C ASP A 79 13.92 1.01 11.04
N PHE A 80 14.80 0.01 10.95
CA PHE A 80 14.36 -1.38 10.86
C PHE A 80 13.55 -1.79 12.09
N LEU A 81 14.01 -1.39 13.28
CA LEU A 81 13.29 -1.73 14.50
C LEU A 81 11.90 -1.11 14.52
N MET A 82 11.79 0.16 14.13
CA MET A 82 10.51 0.85 14.18
C MET A 82 9.50 0.21 13.24
N GLU A 83 9.96 -0.29 12.09
CA GLU A 83 9.02 -0.94 11.17
C GLU A 83 8.42 -2.19 11.80
N ALA A 84 9.23 -2.95 12.54
CA ALA A 84 8.72 -4.14 13.22
C ALA A 84 7.64 -3.76 14.24
N LEU A 85 7.93 -2.76 15.07
CA LEU A 85 6.94 -2.33 16.06
C LEU A 85 5.66 -1.83 15.39
N ILE A 86 5.80 -1.03 14.34
CA ILE A 86 4.62 -0.51 13.64
C ILE A 86 3.75 -1.65 13.14
N ILE A 87 4.34 -2.57 12.36
CA ILE A 87 3.55 -3.63 11.77
C ILE A 87 2.97 -4.54 12.84
N SER A 88 3.68 -4.72 13.95
CA SER A 88 3.23 -5.65 14.98
C SER A 88 1.97 -5.18 15.68
N LYS A 89 1.68 -3.88 15.70
CA LYS A 89 0.54 -3.36 16.45
C LYS A 89 -0.72 -3.23 15.62
N PHE A 90 -0.70 -3.62 14.34
CA PHE A 90 -1.91 -3.69 13.54
C PHE A 90 -2.52 -5.08 13.68
N ASN A 91 -3.85 -5.14 13.74
CA ASN A 91 -4.60 -6.40 13.71
C ASN A 91 -5.75 -6.23 12.71
N HIS A 92 -5.47 -6.51 11.43
CA HIS A 92 -6.48 -6.34 10.40
C HIS A 92 -6.13 -7.23 9.20
N GLN A 93 -7.16 -7.79 8.56
N GLN A 93 -7.15 -7.81 8.57
CA GLN A 93 -6.97 -8.79 7.53
CA GLN A 93 -6.91 -8.80 7.54
C GLN A 93 -6.36 -8.23 6.24
C GLN A 93 -6.26 -8.21 6.28
N ASN A 94 -6.40 -6.90 6.05
CA ASN A 94 -5.86 -6.27 4.85
C ASN A 94 -4.56 -5.54 5.16
N ILE A 95 -3.89 -5.90 6.26
CA ILE A 95 -2.56 -5.41 6.60
C ILE A 95 -1.70 -6.64 6.90
N VAL A 96 -0.55 -6.74 6.23
CA VAL A 96 0.29 -7.92 6.39
C VAL A 96 0.59 -8.15 7.87
N ARG A 97 0.50 -9.41 8.28
CA ARG A 97 0.83 -9.79 9.64
C ARG A 97 2.34 -9.85 9.83
N CYS A 98 2.80 -9.46 11.01
CA CYS A 98 4.17 -9.69 11.44
C CYS A 98 4.19 -10.94 12.31
N ILE A 99 5.00 -11.92 11.92
CA ILE A 99 5.06 -13.20 12.62
C ILE A 99 6.00 -13.16 13.81
N GLY A 100 6.93 -12.23 13.82
CA GLY A 100 7.97 -12.17 14.84
C GLY A 100 9.20 -11.55 14.24
N VAL A 101 10.26 -11.52 15.05
CA VAL A 101 11.54 -10.95 14.64
C VAL A 101 12.64 -11.92 15.03
N SER A 102 13.82 -11.70 14.43
CA SER A 102 15.06 -12.34 14.87
C SER A 102 16.10 -11.21 14.87
N LEU A 103 16.11 -10.44 15.96
CA LEU A 103 16.96 -9.25 16.05
C LEU A 103 18.24 -9.49 16.83
N GLN A 104 18.33 -10.57 17.60
CA GLN A 104 19.49 -10.84 18.42
C GLN A 104 20.61 -11.54 17.65
N SER A 105 20.38 -11.91 16.41
CA SER A 105 21.39 -12.46 15.53
C SER A 105 21.50 -11.59 14.28
N LEU A 106 22.68 -11.66 13.64
CA LEU A 106 22.96 -10.86 12.45
C LEU A 106 23.05 -11.76 11.23
N PRO A 107 22.48 -11.36 10.07
CA PRO A 107 21.69 -10.13 9.84
C PRO A 107 20.31 -10.18 10.50
N ARG A 108 19.80 -9.03 10.92
CA ARG A 108 18.55 -8.98 11.65
C ARG A 108 17.36 -9.22 10.73
N PHE A 109 16.37 -9.96 11.23
CA PHE A 109 15.22 -10.37 10.43
C PHE A 109 13.93 -9.81 11.01
N ILE A 110 12.99 -9.49 10.12
CA ILE A 110 11.59 -9.33 10.46
C ILE A 110 10.83 -10.40 9.69
N LEU A 111 9.97 -11.15 10.40
CA LEU A 111 9.21 -12.25 9.82
C LEU A 111 7.80 -11.76 9.51
N LEU A 112 7.41 -11.87 8.26
CA LEU A 112 6.14 -11.34 7.78
C LEU A 112 5.36 -12.41 7.04
N GLU A 113 4.04 -12.27 7.08
CA GLU A 113 3.12 -13.07 6.28
C GLU A 113 3.62 -13.21 4.85
N LEU A 114 3.59 -14.43 4.33
CA LEU A 114 4.05 -14.69 2.98
C LEU A 114 2.89 -14.45 2.01
N MET A 115 3.13 -13.61 1.01
CA MET A 115 2.10 -13.15 0.07
C MET A 115 2.46 -13.69 -1.30
N ALA A 116 1.92 -14.87 -1.64
CA ALA A 116 2.36 -15.58 -2.83
C ALA A 116 2.05 -14.83 -4.11
N GLY A 117 1.02 -13.99 -4.11
CA GLY A 117 0.66 -13.24 -5.30
C GLY A 117 1.62 -12.11 -5.65
N GLY A 118 2.52 -11.77 -4.75
CA GLY A 118 3.49 -10.72 -5.01
C GLY A 118 2.89 -9.32 -4.92
N ASP A 119 3.66 -8.35 -5.37
CA ASP A 119 3.24 -6.95 -5.31
C ASP A 119 2.15 -6.68 -6.36
N LEU A 120 1.28 -5.71 -6.03
CA LEU A 120 0.12 -5.47 -6.87
C LEU A 120 0.51 -4.89 -8.23
N LYS A 121 1.50 -4.00 -8.27
CA LYS A 121 1.85 -3.40 -9.55
C LYS A 121 2.30 -4.47 -10.54
N SER A 122 3.22 -5.33 -10.12
CA SER A 122 3.69 -6.41 -10.99
C SER A 122 2.54 -7.34 -11.38
N PHE A 123 1.71 -7.72 -10.42
CA PHE A 123 0.59 -8.60 -10.73
C PHE A 123 -0.28 -8.00 -11.82
N LEU A 124 -0.57 -6.69 -11.74
CA LEU A 124 -1.42 -6.07 -12.74
C LEU A 124 -0.77 -6.08 -14.11
N ARG A 125 0.54 -5.81 -14.17
CA ARG A 125 1.25 -5.83 -15.44
C ARG A 125 1.32 -7.25 -16.00
N GLU A 126 1.78 -8.20 -15.18
CA GLU A 126 1.88 -9.58 -15.66
C GLU A 126 0.53 -10.13 -16.10
N THR A 127 -0.56 -9.64 -15.50
CA THR A 127 -1.88 -10.20 -15.73
C THR A 127 -2.72 -9.34 -16.66
N ARG A 128 -2.13 -8.33 -17.30
CA ARG A 128 -2.85 -7.59 -18.32
C ARG A 128 -3.47 -8.56 -19.33
N PRO A 129 -4.77 -8.48 -19.59
CA PRO A 129 -5.37 -9.38 -20.59
C PRO A 129 -4.62 -9.36 -21.91
N ARG A 130 -4.34 -10.54 -22.42
CA ARG A 130 -3.62 -10.74 -23.67
C ARG A 130 -4.23 -11.90 -24.42
N PRO A 131 -3.94 -12.03 -25.72
CA PRO A 131 -4.45 -13.13 -26.55
C PRO A 131 -4.31 -14.49 -25.89
N SER A 136 -9.49 -13.78 -17.99
CA SER A 136 -8.46 -13.93 -16.95
C SER A 136 -8.74 -12.95 -15.81
N LEU A 137 -8.68 -11.65 -16.10
CA LEU A 137 -9.01 -10.60 -15.15
C LEU A 137 -10.26 -9.86 -15.60
N ALA A 138 -11.12 -9.52 -14.65
CA ALA A 138 -12.35 -8.80 -14.94
C ALA A 138 -12.45 -7.56 -14.05
N MET A 139 -13.42 -6.70 -14.38
CA MET A 139 -13.62 -5.47 -13.63
C MET A 139 -13.93 -5.76 -12.17
N LEU A 140 -14.69 -6.81 -11.88
CA LEU A 140 -15.02 -7.13 -10.50
C LEU A 140 -13.75 -7.46 -9.70
N ASP A 141 -12.78 -8.13 -10.33
CA ASP A 141 -11.53 -8.45 -9.63
C ASP A 141 -10.79 -7.18 -9.20
N LEU A 142 -10.77 -6.16 -10.07
CA LEU A 142 -10.11 -4.92 -9.72
C LEU A 142 -10.82 -4.21 -8.57
N LEU A 143 -12.15 -4.23 -8.59
CA LEU A 143 -12.92 -3.59 -7.53
C LEU A 143 -12.66 -4.26 -6.19
N HIS A 144 -12.50 -5.60 -6.18
CA HIS A 144 -12.21 -6.31 -4.94
C HIS A 144 -10.83 -5.94 -4.39
N VAL A 145 -9.84 -5.79 -5.27
CA VAL A 145 -8.55 -5.27 -4.84
C VAL A 145 -8.70 -3.88 -4.24
N ALA A 146 -9.42 -3.00 -4.94
CA ALA A 146 -9.62 -1.65 -4.44
C ALA A 146 -10.31 -1.68 -3.08
N ARG A 147 -11.36 -2.49 -2.95
CA ARG A 147 -12.08 -2.59 -1.68
C ARG A 147 -11.16 -3.08 -0.57
N ASP A 148 -10.39 -4.14 -0.84
CA ASP A 148 -9.47 -4.67 0.17
C ASP A 148 -8.56 -3.58 0.72
N ILE A 149 -7.92 -2.81 -0.17
CA ILE A 149 -6.98 -1.79 0.28
C ILE A 149 -7.72 -0.66 0.97
N ALA A 150 -8.88 -0.26 0.46
CA ALA A 150 -9.67 0.75 1.12
C ALA A 150 -10.03 0.31 2.54
N CYS A 151 -10.29 -1.00 2.72
CA CYS A 151 -10.64 -1.50 4.04
CA CYS A 151 -10.64 -1.51 4.04
C CYS A 151 -9.47 -1.39 5.01
N GLY A 152 -8.26 -1.70 4.55
CA GLY A 152 -7.09 -1.49 5.38
C GLY A 152 -6.85 -0.02 5.67
N CYS A 153 -7.03 0.84 4.67
CA CYS A 153 -6.85 2.28 4.90
C CYS A 153 -7.87 2.80 5.92
N GLN A 154 -9.10 2.29 5.87
CA GLN A 154 -10.10 2.70 6.86
C GLN A 154 -9.63 2.34 8.26
N TYR A 155 -9.12 1.12 8.43
CA TYR A 155 -8.61 0.70 9.74
C TYR A 155 -7.46 1.58 10.20
N LEU A 156 -6.57 1.96 9.29
CA LEU A 156 -5.48 2.88 9.64
C LEU A 156 -6.05 4.24 10.05
N GLU A 157 -6.99 4.77 9.27
CA GLU A 157 -7.58 6.07 9.61
C GLU A 157 -8.30 6.01 10.95
N GLU A 158 -9.10 4.96 11.18
CA GLU A 158 -9.83 4.83 12.44
C GLU A 158 -8.90 4.81 13.63
N ASN A 159 -7.67 4.32 13.43
CA ASN A 159 -6.65 4.26 14.47
C ASN A 159 -5.62 5.37 14.35
N HIS A 160 -5.90 6.38 13.54
CA HIS A 160 -5.12 7.62 13.50
C HIS A 160 -3.69 7.36 13.02
N PHE A 161 -3.53 6.44 12.09
CA PHE A 161 -2.24 6.16 11.47
C PHE A 161 -2.25 6.69 10.05
N ILE A 162 -1.25 7.49 9.71
CA ILE A 162 -1.10 8.06 8.38
C ILE A 162 -0.02 7.27 7.66
N HIS A 163 -0.37 6.66 6.54
CA HIS A 163 0.58 5.76 5.88
C HIS A 163 1.60 6.53 5.05
N ARG A 164 1.16 7.53 4.30
CA ARG A 164 1.94 8.48 3.52
C ARG A 164 2.48 7.93 2.21
N ASP A 165 2.28 6.64 1.89
CA ASP A 165 2.86 6.08 0.68
C ASP A 165 1.94 5.00 0.11
N ILE A 166 0.64 5.25 0.11
CA ILE A 166 -0.32 4.32 -0.48
C ILE A 166 -0.08 4.27 -1.98
N ALA A 167 0.34 3.10 -2.48
CA ALA A 167 0.65 2.96 -3.89
C ALA A 167 0.74 1.47 -4.22
N ALA A 168 0.48 1.15 -5.49
CA ALA A 168 0.40 -0.25 -5.91
C ALA A 168 1.65 -1.02 -5.56
N ARG A 169 2.82 -0.38 -5.62
CA ARG A 169 4.07 -1.06 -5.33
C ARG A 169 4.17 -1.47 -3.86
N ASN A 170 3.35 -0.91 -2.99
CA ASN A 170 3.38 -1.22 -1.56
C ASN A 170 2.25 -2.13 -1.13
N CYS A 171 1.46 -2.65 -2.07
CA CYS A 171 0.40 -3.60 -1.78
C CYS A 171 0.81 -4.99 -2.25
N LEU A 172 0.27 -6.01 -1.59
CA LEU A 172 0.61 -7.39 -1.86
C LEU A 172 -0.66 -8.21 -1.97
N LEU A 173 -0.56 -9.32 -2.70
CA LEU A 173 -1.68 -10.23 -2.92
C LEU A 173 -1.36 -11.59 -2.33
N THR A 174 -2.34 -12.18 -1.65
CA THR A 174 -2.15 -13.49 -1.05
C THR A 174 -1.84 -14.54 -2.10
N CYS A 175 -2.60 -14.54 -3.20
CA CYS A 175 -2.39 -15.49 -4.28
C CYS A 175 -2.74 -14.83 -5.59
N PRO A 176 -2.15 -15.29 -6.70
CA PRO A 176 -2.48 -14.68 -8.00
C PRO A 176 -3.85 -15.06 -8.51
N GLY A 177 -4.36 -16.24 -8.15
CA GLY A 177 -5.58 -16.74 -8.71
C GLY A 177 -6.83 -16.17 -8.08
N PRO A 178 -7.98 -16.76 -8.38
CA PRO A 178 -9.23 -16.30 -7.76
C PRO A 178 -9.18 -16.47 -6.26
N GLY A 179 -9.98 -15.67 -5.56
CA GLY A 179 -9.95 -15.64 -4.11
C GLY A 179 -8.82 -14.85 -3.52
N ARG A 180 -8.07 -14.11 -4.34
CA ARG A 180 -6.96 -13.32 -3.84
C ARG A 180 -7.45 -12.25 -2.87
N VAL A 181 -6.61 -11.93 -1.89
CA VAL A 181 -6.84 -10.81 -0.98
C VAL A 181 -5.66 -9.87 -1.11
N ALA A 182 -5.95 -8.58 -1.24
CA ALA A 182 -4.92 -7.55 -1.27
C ALA A 182 -4.76 -6.98 0.13
N LYS A 183 -3.51 -6.69 0.49
CA LYS A 183 -3.17 -6.12 1.80
C LYS A 183 -2.08 -5.08 1.63
N ILE A 184 -2.06 -4.11 2.55
CA ILE A 184 -0.97 -3.14 2.62
C ILE A 184 0.26 -3.84 3.19
N GLY A 185 1.40 -3.71 2.50
CA GLY A 185 2.54 -4.55 2.80
C GLY A 185 3.85 -3.88 3.14
N ASP A 186 3.90 -2.55 3.09
CA ASP A 186 5.13 -1.83 3.37
C ASP A 186 4.81 -0.55 4.11
N PHE A 187 5.63 -0.24 5.13
CA PHE A 187 5.42 0.92 6.00
C PHE A 187 6.69 1.72 6.17
N GLY A 188 7.55 1.74 5.14
CA GLY A 188 8.81 2.44 5.26
C GLY A 188 8.66 3.95 5.38
N MET A 189 7.69 4.52 4.66
CA MET A 189 7.51 5.97 4.69
C MET A 189 7.04 6.44 6.06
N ALA A 190 6.02 5.80 6.62
CA ALA A 190 5.55 6.18 7.94
C ALA A 190 6.64 6.01 8.99
N ARG A 191 7.57 5.08 8.77
CA ARG A 191 8.66 4.86 9.71
C ARG A 191 9.77 5.90 9.57
N ASP A 192 10.02 6.38 8.35
CA ASP A 192 11.07 7.38 8.16
C ASP A 192 10.69 8.71 8.78
N ILE A 193 9.47 9.17 8.56
CA ILE A 193 9.01 10.44 9.09
C ILE A 193 8.55 10.25 10.54
N TYR A 194 8.85 9.08 11.11
CA TYR A 194 8.62 8.84 12.53
C TYR A 194 9.94 8.95 13.29
N GLY A 202 13.24 10.67 2.12
CA GLY A 202 14.65 10.91 2.35
C GLY A 202 15.30 11.78 1.30
N GLY A 203 14.51 12.65 0.68
CA GLY A 203 15.02 13.55 -0.35
C GLY A 203 13.90 14.03 -1.23
N CYS A 204 14.23 15.06 -2.04
CA CYS A 204 13.27 15.62 -2.97
CA CYS A 204 13.26 15.61 -2.96
C CYS A 204 13.05 14.70 -4.16
N ALA A 205 14.14 14.21 -4.75
CA ALA A 205 14.05 13.30 -5.89
C ALA A 205 13.54 11.92 -5.51
N MET A 206 13.31 11.64 -4.21
CA MET A 206 12.78 10.38 -3.75
C MET A 206 11.37 10.47 -3.19
N LEU A 207 10.86 11.67 -2.97
CA LEU A 207 9.50 11.83 -2.50
C LEU A 207 8.53 11.23 -3.52
N PRO A 208 7.51 10.46 -3.09
CA PRO A 208 6.53 9.94 -4.05
C PRO A 208 5.56 11.01 -4.52
N VAL A 209 6.11 12.00 -5.24
CA VAL A 209 5.37 13.21 -5.58
C VAL A 209 4.11 12.88 -6.37
N LYS A 210 4.16 11.87 -7.24
CA LYS A 210 3.01 11.55 -8.07
C LYS A 210 1.85 10.97 -7.28
N TRP A 211 2.05 10.59 -6.02
CA TRP A 211 1.00 10.09 -5.16
C TRP A 211 0.57 11.10 -4.09
N MET A 212 1.11 12.34 -4.12
CA MET A 212 0.90 13.25 -3.00
C MET A 212 -0.01 14.41 -3.34
N PRO A 213 -0.83 14.87 -2.39
CA PRO A 213 -1.69 16.03 -2.62
C PRO A 213 -0.91 17.32 -2.47
N PRO A 214 -1.44 18.44 -2.96
CA PRO A 214 -0.69 19.70 -2.89
C PRO A 214 -0.18 20.05 -1.49
N GLU A 215 -1.03 20.03 -0.48
CA GLU A 215 -0.58 20.44 0.85
C GLU A 215 0.56 19.57 1.37
N ALA A 216 0.74 18.37 0.81
CA ALA A 216 1.81 17.49 1.29
C ALA A 216 3.15 17.83 0.65
N PHE A 217 3.19 18.04 -0.66
CA PHE A 217 4.47 18.38 -1.28
C PHE A 217 4.75 19.88 -1.29
N MET A 218 3.76 20.72 -1.01
CA MET A 218 4.01 22.16 -0.85
C MET A 218 4.39 22.50 0.59
N GLU A 219 3.59 22.02 1.54
CA GLU A 219 3.67 22.45 2.92
C GLU A 219 4.16 21.38 3.88
N GLY A 220 4.31 20.14 3.42
CA GLY A 220 4.70 19.08 4.32
C GLY A 220 3.63 18.68 5.31
N ILE A 221 2.37 18.96 5.00
CA ILE A 221 1.25 18.63 5.86
C ILE A 221 0.72 17.26 5.47
N PHE A 222 0.61 16.36 6.45
CA PHE A 222 0.10 15.00 6.23
C PHE A 222 -1.03 14.74 7.20
N THR A 223 -2.18 14.29 6.68
CA THR A 223 -3.34 13.93 7.46
C THR A 223 -3.93 12.66 6.86
N SER A 224 -5.07 12.22 7.42
CA SER A 224 -5.78 11.11 6.79
C SER A 224 -6.21 11.47 5.37
N LYS A 225 -6.42 12.75 5.09
CA LYS A 225 -6.79 13.17 3.75
C LYS A 225 -5.62 13.10 2.79
N THR A 226 -4.39 12.99 3.30
CA THR A 226 -3.26 12.68 2.44
C THR A 226 -3.40 11.28 1.85
N ASP A 227 -3.72 10.30 2.69
CA ASP A 227 -3.92 8.95 2.20
C ASP A 227 -5.14 8.86 1.29
N THR A 228 -6.16 9.70 1.50
CA THR A 228 -7.29 9.68 0.58
C THR A 228 -6.85 10.05 -0.84
N TRP A 229 -6.06 11.11 -0.96
CA TRP A 229 -5.54 11.49 -2.26
C TRP A 229 -4.74 10.35 -2.88
N SER A 230 -3.80 9.77 -2.12
CA SER A 230 -2.97 8.70 -2.65
C SER A 230 -3.83 7.53 -3.10
N PHE A 231 -4.85 7.18 -2.32
CA PHE A 231 -5.70 6.07 -2.71
C PHE A 231 -6.32 6.31 -4.09
N GLY A 232 -6.70 7.55 -4.38
CA GLY A 232 -7.20 7.86 -5.71
C GLY A 232 -6.18 7.58 -6.79
N VAL A 233 -4.91 7.92 -6.53
CA VAL A 233 -3.88 7.57 -7.50
C VAL A 233 -3.77 6.05 -7.62
N LEU A 234 -3.81 5.34 -6.49
CA LEU A 234 -3.74 3.88 -6.54
C LEU A 234 -4.91 3.31 -7.33
N LEU A 235 -6.11 3.87 -7.14
CA LEU A 235 -7.25 3.45 -7.93
C LEU A 235 -6.97 3.61 -9.42
N TRP A 236 -6.27 4.67 -9.81
CA TRP A 236 -5.91 4.85 -11.22
C TRP A 236 -4.89 3.81 -11.67
N GLU A 237 -3.89 3.51 -10.83
CA GLU A 237 -2.98 2.42 -11.13
C GLU A 237 -3.75 1.11 -11.33
N ILE A 238 -4.73 0.84 -10.47
CA ILE A 238 -5.44 -0.43 -10.55
C ILE A 238 -6.18 -0.53 -11.88
N PHE A 239 -6.96 0.49 -12.23
CA PHE A 239 -7.82 0.41 -13.41
C PHE A 239 -7.08 0.74 -14.71
N SER A 240 -5.85 1.25 -14.63
CA SER A 240 -4.99 1.29 -15.81
C SER A 240 -4.22 0.00 -16.00
N LEU A 241 -4.31 -0.93 -15.03
CA LEU A 241 -3.60 -2.21 -15.05
C LEU A 241 -2.08 -2.00 -14.95
N GLY A 242 -1.67 -1.19 -13.98
CA GLY A 242 -0.28 -1.10 -13.62
C GLY A 242 0.54 -0.07 -14.35
N TYR A 243 -0.09 0.94 -14.95
CA TYR A 243 0.65 2.02 -15.57
C TYR A 243 1.19 2.98 -14.51
N MET A 244 2.28 3.64 -14.86
CA MET A 244 2.81 4.73 -14.04
C MET A 244 1.85 5.92 -14.10
N PRO A 245 1.53 6.56 -12.98
CA PRO A 245 0.65 7.74 -13.02
C PRO A 245 1.28 8.88 -13.80
N TYR A 246 0.43 9.76 -14.31
CA TYR A 246 0.84 10.90 -15.14
C TYR A 246 1.87 10.40 -16.16
N PRO A 247 1.47 9.52 -17.08
CA PRO A 247 2.45 8.69 -17.78
C PRO A 247 3.67 9.41 -18.35
N SER A 248 3.48 10.45 -19.16
CA SER A 248 4.59 11.09 -19.85
C SER A 248 5.18 12.27 -19.08
N LYS A 249 4.74 12.51 -17.85
CA LYS A 249 5.20 13.66 -17.08
C LYS A 249 6.26 13.26 -16.05
N SER A 250 7.12 14.22 -15.73
CA SER A 250 8.11 14.11 -14.68
C SER A 250 7.56 14.64 -13.36
N ASN A 251 8.33 14.46 -12.30
CA ASN A 251 7.88 14.87 -10.97
C ASN A 251 7.55 16.36 -10.92
N GLN A 252 8.47 17.21 -11.39
CA GLN A 252 8.23 18.65 -11.34
C GLN A 252 7.03 19.02 -12.21
N GLU A 253 6.91 18.41 -13.39
CA GLU A 253 5.77 18.68 -14.25
C GLU A 253 4.46 18.28 -13.58
N VAL A 254 4.44 17.13 -12.89
CA VAL A 254 3.24 16.74 -12.15
C VAL A 254 2.95 17.76 -11.06
N LEU A 255 4.00 18.19 -10.35
CA LEU A 255 3.83 19.19 -9.29
C LEU A 255 3.13 20.42 -9.80
N GLU A 256 3.58 20.97 -10.93
CA GLU A 256 2.97 22.17 -11.48
C GLU A 256 1.60 21.87 -12.08
N PHE A 257 1.47 20.72 -12.74
CA PHE A 257 0.18 20.29 -13.26
C PHE A 257 -0.87 20.23 -12.14
N VAL A 258 -0.57 19.50 -11.07
CA VAL A 258 -1.54 19.26 -10.01
C VAL A 258 -1.86 20.55 -9.26
N THR A 259 -0.85 21.37 -8.95
CA THR A 259 -1.12 22.59 -8.21
C THR A 259 -1.99 23.55 -9.03
N SER A 260 -1.89 23.47 -10.35
CA SER A 260 -2.73 24.27 -11.24
C SER A 260 -4.13 23.71 -11.41
N GLY A 261 -4.45 22.59 -10.76
CA GLY A 261 -5.75 21.98 -10.89
C GLY A 261 -5.85 20.86 -11.90
N GLY A 262 -4.75 20.50 -12.56
CA GLY A 262 -4.80 19.40 -13.50
C GLY A 262 -4.93 18.07 -12.79
N ARG A 263 -5.60 17.13 -13.45
CA ARG A 263 -5.79 15.77 -12.95
C ARG A 263 -5.68 14.79 -14.11
N MET A 264 -5.38 13.54 -13.78
CA MET A 264 -5.29 12.50 -14.81
C MET A 264 -6.65 12.25 -15.47
N ASP A 265 -6.60 11.84 -16.74
CA ASP A 265 -7.78 11.36 -17.45
C ASP A 265 -8.15 9.96 -16.96
N PRO A 266 -9.35 9.47 -17.28
CA PRO A 266 -9.71 8.11 -16.89
C PRO A 266 -8.76 7.11 -17.52
N PRO A 267 -8.47 6.01 -16.84
CA PRO A 267 -7.80 4.90 -17.52
C PRO A 267 -8.68 4.39 -18.66
N LYS A 268 -8.03 3.77 -19.64
CA LYS A 268 -8.73 3.19 -20.77
C LYS A 268 -9.84 2.27 -20.29
N ASN A 269 -11.06 2.52 -20.76
CA ASN A 269 -12.26 1.74 -20.49
C ASN A 269 -12.77 1.91 -19.06
N CYS A 270 -12.23 2.85 -18.29
CA CYS A 270 -12.63 2.98 -16.90
C CYS A 270 -14.09 3.40 -16.80
N PRO A 271 -14.90 2.73 -15.99
CA PRO A 271 -16.29 3.16 -15.82
C PRO A 271 -16.37 4.49 -15.07
N GLY A 272 -17.35 5.31 -15.46
CA GLY A 272 -17.52 6.63 -14.87
C GLY A 272 -17.70 6.63 -13.37
N PRO A 273 -18.45 5.70 -12.79
CA PRO A 273 -18.53 5.66 -11.33
C PRO A 273 -17.18 5.45 -10.66
N VAL A 274 -16.30 4.67 -11.28
CA VAL A 274 -14.97 4.46 -10.71
C VAL A 274 -14.12 5.72 -10.86
N TYR A 275 -14.12 6.31 -12.05
CA TYR A 275 -13.40 7.56 -12.24
C TYR A 275 -13.92 8.65 -11.31
N ARG A 276 -15.23 8.64 -11.02
CA ARG A 276 -15.75 9.66 -10.11
C ARG A 276 -15.20 9.49 -8.71
N ILE A 277 -14.90 8.26 -8.29
CA ILE A 277 -14.23 8.08 -7.01
C ILE A 277 -12.84 8.72 -7.05
N MET A 278 -12.10 8.49 -8.15
CA MET A 278 -10.76 9.08 -8.23
C MET A 278 -10.82 10.59 -8.10
N THR A 279 -11.72 11.23 -8.86
CA THR A 279 -11.76 12.69 -8.88
C THR A 279 -12.18 13.26 -7.53
N GLN A 280 -13.02 12.54 -6.78
N GLN A 280 -13.01 12.54 -6.78
CA GLN A 280 -13.36 12.98 -5.43
CA GLN A 280 -13.37 12.95 -5.44
C GLN A 280 -12.15 12.89 -4.50
C GLN A 280 -12.17 12.88 -4.49
N CYS A 281 -11.39 11.80 -4.60
CA CYS A 281 -10.18 11.68 -3.79
C CYS A 281 -9.20 12.82 -4.06
N TRP A 282 -9.21 13.35 -5.29
CA TRP A 282 -8.26 14.36 -5.71
C TRP A 282 -8.80 15.78 -5.56
N GLN A 283 -9.78 16.02 -4.69
CA GLN A 283 -10.25 17.38 -4.47
C GLN A 283 -9.11 18.22 -3.93
N HIS A 284 -9.01 19.46 -4.41
CA HIS A 284 -7.87 20.30 -4.04
C HIS A 284 -7.82 20.54 -2.53
N GLN A 285 -8.98 20.80 -1.92
CA GLN A 285 -9.06 21.05 -0.48
C GLN A 285 -9.22 19.74 0.28
N PRO A 286 -8.35 19.43 1.24
CA PRO A 286 -8.49 18.15 1.96
C PRO A 286 -9.86 17.91 2.54
N GLU A 287 -10.53 18.95 3.03
CA GLU A 287 -11.84 18.76 3.65
C GLU A 287 -12.94 18.50 2.63
N ASP A 288 -12.67 18.66 1.33
CA ASP A 288 -13.60 18.24 0.30
C ASP A 288 -13.35 16.81 -0.18
N ARG A 289 -12.31 16.11 0.37
CA ARG A 289 -12.08 14.72 0.01
C ARG A 289 -12.85 13.80 0.94
N PRO A 290 -13.32 12.66 0.45
CA PRO A 290 -14.04 11.72 1.33
C PRO A 290 -13.08 10.99 2.27
N ASN A 291 -13.62 10.58 3.42
CA ASN A 291 -12.91 9.67 4.29
C ASN A 291 -13.07 8.24 3.75
N PHE A 292 -12.35 7.30 4.36
CA PHE A 292 -12.33 5.97 3.78
C PHE A 292 -13.63 5.21 3.99
N ALA A 293 -14.42 5.57 5.00
CA ALA A 293 -15.74 4.96 5.11
C ALA A 293 -16.58 5.24 3.87
N ILE A 294 -16.51 6.47 3.35
CA ILE A 294 -17.31 6.82 2.18
C ILE A 294 -16.68 6.22 0.91
N ILE A 295 -15.36 6.16 0.83
CA ILE A 295 -14.72 5.52 -0.31
C ILE A 295 -15.20 4.07 -0.41
N LEU A 296 -15.10 3.33 0.69
CA LEU A 296 -15.58 1.95 0.74
C LEU A 296 -17.02 1.84 0.29
N GLU A 297 -17.87 2.70 0.85
CA GLU A 297 -19.28 2.77 0.46
C GLU A 297 -19.44 2.89 -1.04
N ARG A 298 -18.66 3.79 -1.65
CA ARG A 298 -18.81 4.03 -3.09
C ARG A 298 -18.19 2.91 -3.92
N ILE A 299 -17.14 2.26 -3.42
CA ILE A 299 -16.60 1.12 -4.14
C ILE A 299 -17.61 -0.02 -4.13
N GLU A 300 -18.27 -0.24 -2.99
CA GLU A 300 -19.26 -1.32 -2.92
CA GLU A 300 -19.27 -1.31 -2.91
C GLU A 300 -20.45 -1.03 -3.81
N TYR A 301 -20.84 0.24 -3.93
CA TYR A 301 -21.90 0.60 -4.87
C TYR A 301 -21.48 0.30 -6.31
N CYS A 302 -20.18 0.42 -6.61
CA CYS A 302 -19.69 0.08 -7.94
C CYS A 302 -19.78 -1.42 -8.19
N THR A 303 -19.43 -2.24 -7.20
CA THR A 303 -19.51 -3.69 -7.36
C THR A 303 -20.94 -4.16 -7.59
N GLN A 304 -21.92 -3.29 -7.34
CA GLN A 304 -23.32 -3.63 -7.53
C GLN A 304 -23.88 -3.19 -8.87
N ASP A 305 -23.14 -2.40 -9.65
CA ASP A 305 -23.66 -1.86 -10.89
C ASP A 305 -23.28 -2.78 -12.04
N PRO A 306 -24.22 -3.56 -12.60
CA PRO A 306 -23.87 -4.38 -13.77
C PRO A 306 -23.14 -3.62 -14.86
N ASP A 307 -23.60 -2.40 -15.18
CA ASP A 307 -22.92 -1.62 -16.21
C ASP A 307 -21.46 -1.36 -15.87
N VAL A 308 -21.09 -1.44 -14.58
CA VAL A 308 -19.69 -1.28 -14.20
C VAL A 308 -18.94 -2.60 -14.34
N ILE A 309 -19.43 -3.64 -13.67
CA ILE A 309 -18.66 -4.89 -13.58
C ILE A 309 -18.74 -5.73 -14.84
N ASN A 310 -19.65 -5.41 -15.76
CA ASN A 310 -19.68 -6.06 -17.07
C ASN A 310 -18.87 -5.30 -18.11
N THR A 311 -18.11 -4.29 -17.70
CA THR A 311 -17.26 -3.55 -18.63
C THR A 311 -16.01 -4.37 -18.93
N ALA A 312 -15.66 -4.45 -20.21
CA ALA A 312 -14.52 -5.23 -20.64
C ALA A 312 -13.22 -4.48 -20.37
N LEU A 313 -12.21 -5.20 -19.91
CA LEU A 313 -10.87 -4.65 -19.78
C LEU A 313 -10.16 -4.69 -21.13
N PRO A 314 -9.31 -3.71 -21.42
CA PRO A 314 -8.62 -3.69 -22.71
C PRO A 314 -7.50 -4.72 -22.79
N ILE A 315 -7.29 -5.23 -24.00
CA ILE A 315 -6.27 -6.22 -24.26
C ILE A 315 -4.93 -5.54 -24.56
#